data_1A9N
#
_entry.id   1A9N
#
_cell.length_a   98.370
_cell.length_b   128.240
_cell.length_c   66.650
_cell.angle_alpha   90.00
_cell.angle_beta   90.00
_cell.angle_gamma   90.00
#
_symmetry.space_group_name_H-M   'P 21 21 2'
#
loop_
_entity.id
_entity.type
_entity.pdbx_description
1 polymer "RNA (5'-R(*CP*CP*UP*GP*GP*UP*AP*UP*UP*GP*CP*AP*GP*UP*AP*CP*CP*UP*CP*CP*AP*GP* GP*U)-3')"
2 polymer "U2A'"
3 polymer "SPLICEOSOMAL U2B''"
#
loop_
_entity_poly.entity_id
_entity_poly.type
_entity_poly.pdbx_seq_one_letter_code
_entity_poly.pdbx_strand_id
1 'polyribonucleotide' CCUGGUAUUGCAGUACCUCCAGGU Q,R
2 'polypeptide(L)'
;MVKLTAELIEQAAQYTNAVRDRELDLRGYKIPVIENLGATLDQFDAIDFSDNEIRKLDGFPLLRRLKTLLVNNNRICRIG
EGLDQALPDLTELILTNNSLVELGDLDPLASLKSLTYLCILRNPVTNKKHYRLYVIYKVPQVRVLDFQKVKLKERQEAEK
MFKGKRGAQLAKDIAR
;
A,C
3 'polypeptide(L)'
;MDIRPNHTIYINNMNDKIKKEELKRSLYALFSQFGHVVDIVALKTMKMRGQAFVIFKELGSSTNALRQLQGFPFYGKPMR
IQYAKTDSDIISKMRG
;
B,D
#
# COMPACT_ATOMS: atom_id res chain seq x y z
N VAL C 2 6.30 5.89 11.11
CA VAL C 2 6.40 4.84 12.12
C VAL C 2 7.12 3.68 11.46
N LYS C 3 8.42 3.92 11.47
CA LYS C 3 9.42 3.03 10.90
C LYS C 3 9.44 1.79 11.80
N LEU C 4 9.73 0.64 11.24
CA LEU C 4 9.82 -0.58 11.99
C LEU C 4 11.27 -0.43 12.47
N THR C 5 11.39 -0.16 13.76
CA THR C 5 12.72 0.07 14.37
C THR C 5 13.07 -0.89 15.45
N ALA C 6 14.32 -0.87 15.90
CA ALA C 6 14.77 -1.77 16.97
C ALA C 6 13.96 -1.43 18.22
N GLU C 7 13.83 -0.16 18.53
CA GLU C 7 13.09 0.32 19.69
C GLU C 7 11.65 -0.14 19.65
N LEU C 8 11.06 -0.15 18.47
CA LEU C 8 9.68 -0.57 18.26
C LEU C 8 9.53 -2.03 18.61
N ILE C 9 10.40 -2.86 18.09
CA ILE C 9 10.39 -4.30 18.35
C ILE C 9 10.60 -4.63 19.82
N GLU C 10 11.42 -3.86 20.53
CA GLU C 10 11.70 -4.13 21.93
C GLU C 10 10.54 -3.86 22.88
N GLN C 11 9.55 -3.07 22.53
CA GLN C 11 8.44 -2.79 23.44
C GLN C 11 7.20 -3.52 22.97
N ALA C 12 7.34 -4.28 21.88
CA ALA C 12 6.24 -5.02 21.32
C ALA C 12 5.82 -6.25 22.11
N ALA C 13 4.50 -6.40 22.23
CA ALA C 13 3.92 -7.53 22.94
C ALA C 13 4.59 -8.77 22.38
N GLN C 14 5.01 -9.63 23.28
CA GLN C 14 5.70 -10.88 23.04
C GLN C 14 4.96 -11.93 23.84
N TYR C 15 4.59 -13.06 23.25
CA TYR C 15 3.83 -14.09 23.93
C TYR C 15 3.85 -15.43 23.23
N THR C 16 3.27 -16.44 23.88
CA THR C 16 3.20 -17.79 23.34
C THR C 16 1.79 -17.82 22.76
N ASN C 17 1.63 -18.05 21.47
CA ASN C 17 0.30 -18.02 20.90
C ASN C 17 -0.47 -19.28 21.13
N ALA C 18 -1.71 -19.24 20.64
CA ALA C 18 -2.70 -20.28 20.73
C ALA C 18 -2.33 -21.56 20.05
N VAL C 19 -1.33 -21.58 19.18
CA VAL C 19 -0.93 -22.82 18.55
C VAL C 19 0.43 -23.23 19.10
N ARG C 20 0.76 -22.69 20.28
CA ARG C 20 1.96 -22.97 21.03
C ARG C 20 3.27 -22.53 20.43
N ASP C 21 3.30 -21.38 19.74
CA ASP C 21 4.54 -20.90 19.13
C ASP C 21 4.92 -19.54 19.70
N ARG C 22 6.22 -19.20 19.66
CA ARG C 22 6.59 -17.90 20.19
C ARG C 22 6.26 -16.87 19.09
N GLU C 23 5.37 -15.93 19.38
CA GLU C 23 4.98 -14.91 18.42
C GLU C 23 5.22 -13.50 18.86
N LEU C 24 5.63 -12.66 17.90
CA LEU C 24 5.84 -11.25 18.17
C LEU C 24 4.70 -10.48 17.53
N ASP C 25 4.05 -9.60 18.25
CA ASP C 25 2.97 -8.77 17.81
C ASP C 25 3.37 -7.43 17.22
N LEU C 26 3.34 -7.26 15.90
CA LEU C 26 3.66 -6.05 15.20
C LEU C 26 2.45 -5.49 14.45
N ARG C 27 1.25 -5.77 14.94
CA ARG C 27 0.03 -5.30 14.36
C ARG C 27 -0.22 -3.81 14.54
N GLY C 28 -0.98 -3.22 13.64
CA GLY C 28 -1.41 -1.87 13.61
C GLY C 28 -0.45 -0.76 13.85
N TYR C 29 0.79 -0.88 13.43
CA TYR C 29 1.71 0.23 13.67
C TYR C 29 1.84 1.11 12.43
N LYS C 30 1.23 0.77 11.32
CA LYS C 30 1.33 1.57 10.10
C LYS C 30 2.76 1.45 9.56
N ILE C 31 3.35 0.26 9.67
CA ILE C 31 4.70 0.10 9.15
C ILE C 31 4.64 0.05 7.64
N PRO C 32 5.49 0.77 6.95
CA PRO C 32 5.51 0.80 5.50
C PRO C 32 6.51 -0.12 4.85
N VAL C 33 7.66 -0.31 5.45
CA VAL C 33 8.80 -1.11 5.04
C VAL C 33 9.30 -2.07 6.10
N ILE C 34 9.52 -3.32 5.80
CA ILE C 34 9.98 -4.33 6.71
C ILE C 34 11.48 -4.15 6.88
N GLU C 35 11.97 -3.81 8.08
CA GLU C 35 13.39 -3.62 8.27
C GLU C 35 13.81 -3.76 9.73
N ASN C 36 15.12 -3.89 9.99
CA ASN C 36 15.67 -4.00 11.33
C ASN C 36 15.15 -5.20 12.09
N LEU C 37 15.00 -6.38 11.50
CA LEU C 37 14.47 -7.54 12.20
C LEU C 37 15.54 -8.22 13.02
N GLY C 38 16.78 -7.82 12.80
CA GLY C 38 17.94 -8.31 13.49
C GLY C 38 17.69 -8.30 14.99
N ALA C 39 17.15 -7.25 15.55
CA ALA C 39 16.83 -7.05 16.94
C ALA C 39 15.86 -8.02 17.57
N THR C 40 15.22 -8.91 16.84
CA THR C 40 14.29 -9.88 17.40
C THR C 40 15.14 -11.05 17.88
N LEU C 41 16.35 -11.11 17.37
CA LEU C 41 17.43 -12.02 17.59
C LEU C 41 17.15 -13.45 17.18
N ASP C 42 16.26 -13.63 16.23
CA ASP C 42 15.83 -14.93 15.72
C ASP C 42 15.13 -15.72 16.82
N GLN C 43 14.46 -15.07 17.78
CA GLN C 43 13.76 -15.75 18.84
C GLN C 43 12.30 -16.08 18.67
N PHE C 44 11.70 -15.84 17.51
CA PHE C 44 10.29 -16.09 17.27
C PHE C 44 9.95 -17.09 16.20
N ASP C 45 8.90 -17.88 16.47
CA ASP C 45 8.40 -18.90 15.58
C ASP C 45 7.38 -18.29 14.61
N ALA C 46 6.75 -17.21 15.06
CA ALA C 46 5.74 -16.49 14.36
C ALA C 46 5.87 -14.98 14.48
N ILE C 47 5.55 -14.25 13.42
CA ILE C 47 5.58 -12.79 13.49
C ILE C 47 4.28 -12.33 12.81
N ASP C 48 3.54 -11.51 13.54
CA ASP C 48 2.26 -10.99 13.10
C ASP C 48 2.41 -9.55 12.62
N PHE C 49 2.32 -9.41 11.30
CA PHE C 49 2.44 -8.10 10.69
C PHE C 49 1.10 -7.61 10.12
N SER C 50 -0.01 -8.11 10.52
CA SER C 50 -1.32 -7.74 10.11
C SER C 50 -1.64 -6.28 10.37
N ASP C 51 -2.49 -5.77 9.48
CA ASP C 51 -2.94 -4.40 9.52
C ASP C 51 -1.80 -3.41 9.55
N ASN C 52 -0.95 -3.41 8.53
CA ASN C 52 0.14 -2.43 8.46
C ASN C 52 0.14 -1.87 7.02
N GLU C 53 1.12 -1.17 6.51
CA GLU C 53 1.14 -0.66 5.16
C GLU C 53 2.31 -1.16 4.32
N ILE C 54 2.86 -2.32 4.62
CA ILE C 54 3.98 -2.88 3.88
C ILE C 54 3.62 -3.12 2.42
N ARG C 55 4.48 -2.78 1.50
CA ARG C 55 4.31 -2.95 0.08
C ARG C 55 4.98 -4.16 -0.50
N LYS C 56 6.15 -4.49 0.08
CA LYS C 56 6.90 -5.66 -0.41
C LYS C 56 7.37 -6.60 0.68
N LEU C 57 7.14 -7.88 0.50
CA LEU C 57 7.57 -8.91 1.46
C LEU C 57 9.06 -9.13 1.11
N ASP C 58 9.91 -8.37 1.80
CA ASP C 58 11.34 -8.37 1.56
C ASP C 58 12.00 -7.72 2.77
N GLY C 59 13.32 -7.64 2.78
CA GLY C 59 14.06 -7.00 3.85
C GLY C 59 14.33 -7.81 5.10
N PHE C 60 14.25 -9.13 5.04
CA PHE C 60 14.49 -9.92 6.23
C PHE C 60 15.95 -10.36 6.40
N PRO C 61 16.36 -10.39 7.66
CA PRO C 61 17.72 -10.81 7.99
C PRO C 61 17.69 -12.31 7.95
N LEU C 62 18.75 -13.00 8.35
CA LEU C 62 18.66 -14.48 8.30
C LEU C 62 17.88 -14.81 9.57
N LEU C 63 16.75 -15.48 9.49
CA LEU C 63 15.94 -15.80 10.66
C LEU C 63 15.64 -17.29 10.56
N ARG C 64 16.41 -18.10 11.26
CA ARG C 64 16.24 -19.56 11.22
C ARG C 64 15.04 -20.12 11.95
N ARG C 65 14.56 -19.44 12.96
CA ARG C 65 13.41 -19.97 13.68
C ARG C 65 12.06 -19.51 13.15
N LEU C 66 12.00 -18.50 12.27
CA LEU C 66 10.73 -18.00 11.78
C LEU C 66 9.99 -18.98 10.90
N LYS C 67 8.89 -19.51 11.42
CA LYS C 67 8.11 -20.46 10.64
C LYS C 67 6.73 -19.96 10.20
N THR C 68 6.21 -18.91 10.81
CA THR C 68 4.90 -18.43 10.45
C THR C 68 4.89 -16.93 10.31
N LEU C 69 4.34 -16.51 9.16
CA LEU C 69 4.26 -15.07 8.86
C LEU C 69 2.81 -14.69 8.55
N LEU C 70 2.13 -13.97 9.41
CA LEU C 70 0.76 -13.52 9.24
C LEU C 70 0.89 -12.08 8.72
N VAL C 71 0.51 -11.84 7.48
CA VAL C 71 0.62 -10.55 6.83
C VAL C 71 -0.68 -10.01 6.25
N ASN C 72 -1.78 -10.18 6.91
CA ASN C 72 -3.10 -9.78 6.63
C ASN C 72 -3.19 -8.26 6.54
N ASN C 73 -4.13 -7.78 5.74
CA ASN C 73 -4.43 -6.42 5.54
C ASN C 73 -3.31 -5.39 5.49
N ASN C 74 -2.40 -5.59 4.57
CA ASN C 74 -1.28 -4.73 4.25
C ASN C 74 -1.50 -4.36 2.77
N ARG C 75 -0.49 -3.99 2.04
CA ARG C 75 -0.47 -3.60 0.65
C ARG C 75 0.60 -4.31 -0.16
N ILE C 76 0.78 -5.58 0.12
CA ILE C 76 1.80 -6.36 -0.55
C ILE C 76 1.52 -6.44 -2.03
N CYS C 77 2.40 -5.91 -2.87
CA CYS C 77 2.18 -6.01 -4.30
C CYS C 77 3.34 -6.78 -4.92
N ARG C 78 4.41 -7.05 -4.19
CA ARG C 78 5.55 -7.80 -4.71
C ARG C 78 6.25 -8.62 -3.62
N ILE C 79 6.78 -9.75 -4.06
CA ILE C 79 7.50 -10.66 -3.18
C ILE C 79 8.98 -10.66 -3.50
N GLY C 80 9.87 -10.39 -2.58
CA GLY C 80 11.31 -10.39 -2.78
C GLY C 80 11.87 -11.67 -3.33
N GLU C 81 12.98 -11.65 -4.05
CA GLU C 81 13.56 -12.85 -4.63
C GLU C 81 14.46 -13.72 -3.77
N GLY C 82 15.13 -13.22 -2.73
CA GLY C 82 15.98 -14.10 -1.95
C GLY C 82 15.37 -14.64 -0.67
N LEU C 83 14.05 -14.66 -0.55
CA LEU C 83 13.38 -15.13 0.65
C LEU C 83 13.84 -16.43 1.23
N ASP C 84 14.16 -17.49 0.49
CA ASP C 84 14.62 -18.73 1.13
C ASP C 84 15.98 -18.60 1.82
N GLN C 85 16.80 -17.68 1.35
CA GLN C 85 18.12 -17.44 1.89
C GLN C 85 18.01 -16.73 3.22
N ALA C 86 16.87 -16.10 3.55
CA ALA C 86 16.81 -15.43 4.85
C ALA C 86 15.80 -16.07 5.76
N LEU C 87 14.95 -16.91 5.18
CA LEU C 87 13.89 -17.62 5.86
C LEU C 87 13.79 -19.05 5.36
N PRO C 88 14.75 -19.92 5.65
CA PRO C 88 14.80 -21.30 5.25
C PRO C 88 13.69 -22.23 5.68
N ASP C 89 13.13 -22.04 6.86
CA ASP C 89 12.06 -22.92 7.31
C ASP C 89 10.67 -22.31 7.24
N LEU C 90 10.45 -21.26 6.46
CA LEU C 90 9.16 -20.60 6.33
C LEU C 90 8.17 -21.69 5.96
N THR C 91 7.22 -21.99 6.84
CA THR C 91 6.27 -23.05 6.53
C THR C 91 4.87 -22.51 6.27
N GLU C 92 4.49 -21.41 6.91
CA GLU C 92 3.16 -20.86 6.70
C GLU C 92 3.19 -19.36 6.37
N LEU C 93 2.51 -19.04 5.24
CA LEU C 93 2.47 -17.64 4.81
C LEU C 93 1.06 -17.19 4.55
N ILE C 94 0.53 -16.28 5.38
CA ILE C 94 -0.86 -15.80 5.23
C ILE C 94 -0.85 -14.42 4.63
N LEU C 95 -1.30 -14.29 3.38
CA LEU C 95 -1.29 -13.01 2.70
C LEU C 95 -2.67 -12.42 2.40
N THR C 96 -3.73 -12.90 3.02
CA THR C 96 -5.04 -12.41 2.83
C THR C 96 -5.17 -10.90 2.83
N ASN C 97 -5.96 -10.46 1.86
CA ASN C 97 -6.28 -9.04 1.69
C ASN C 97 -5.10 -8.14 1.53
N ASN C 98 -4.43 -8.33 0.40
CA ASN C 98 -3.26 -7.56 -0.01
C ASN C 98 -3.45 -7.16 -1.47
N SER C 99 -2.43 -6.72 -2.18
CA SER C 99 -2.42 -6.30 -3.54
C SER C 99 -1.67 -7.03 -4.61
N LEU C 100 -1.54 -8.36 -4.52
CA LEU C 100 -0.84 -9.10 -5.58
C LEU C 100 -1.82 -9.19 -6.73
N VAL C 101 -1.42 -8.70 -7.91
CA VAL C 101 -2.24 -8.70 -9.10
C VAL C 101 -1.84 -9.67 -10.19
N GLU C 102 -0.57 -9.95 -10.48
CA GLU C 102 -0.21 -10.89 -11.53
C GLU C 102 0.37 -12.20 -11.07
N LEU C 103 -0.10 -13.30 -11.69
CA LEU C 103 0.36 -14.64 -11.44
C LEU C 103 1.87 -14.68 -11.35
N GLY C 104 2.62 -14.02 -12.20
CA GLY C 104 4.06 -13.95 -12.22
C GLY C 104 4.65 -13.33 -10.99
N ASP C 105 3.87 -12.54 -10.23
CA ASP C 105 4.36 -11.90 -9.01
C ASP C 105 4.43 -12.88 -7.86
N LEU C 106 3.80 -14.04 -8.03
CA LEU C 106 3.78 -15.07 -7.04
C LEU C 106 4.93 -16.05 -7.27
N ASP C 107 5.64 -15.89 -8.37
CA ASP C 107 6.78 -16.74 -8.72
C ASP C 107 7.85 -16.85 -7.66
N PRO C 108 8.30 -15.84 -6.95
CA PRO C 108 9.31 -15.96 -5.93
C PRO C 108 8.99 -16.93 -4.80
N LEU C 109 7.75 -17.42 -4.64
CA LEU C 109 7.41 -18.34 -3.59
C LEU C 109 7.83 -19.75 -3.92
N ALA C 110 8.24 -20.01 -5.15
CA ALA C 110 8.69 -21.34 -5.59
C ALA C 110 9.99 -21.68 -4.88
N SER C 111 10.80 -20.67 -4.55
CA SER C 111 12.05 -20.91 -3.86
C SER C 111 11.92 -21.19 -2.36
N LEU C 112 10.75 -21.13 -1.74
CA LEU C 112 10.61 -21.41 -0.30
C LEU C 112 10.36 -22.90 -0.13
N LYS C 113 11.42 -23.71 -0.04
CA LYS C 113 11.32 -25.16 0.07
C LYS C 113 10.44 -25.73 1.16
N SER C 114 10.31 -25.16 2.34
CA SER C 114 9.42 -25.73 3.35
C SER C 114 8.02 -25.15 3.31
N LEU C 115 7.65 -24.14 2.55
CA LEU C 115 6.33 -23.54 2.45
C LEU C 115 5.25 -24.58 2.23
N THR C 116 4.37 -24.75 3.23
CA THR C 116 3.32 -25.75 3.15
C THR C 116 1.92 -25.21 3.26
N TYR C 117 1.78 -24.08 3.98
CA TYR C 117 0.50 -23.41 4.16
C TYR C 117 0.61 -21.98 3.58
N LEU C 118 -0.18 -21.84 2.54
CA LEU C 118 -0.24 -20.58 1.80
C LEU C 118 -1.65 -20.03 1.65
N CYS C 119 -1.77 -18.75 1.98
CA CYS C 119 -3.14 -18.20 1.81
C CYS C 119 -3.01 -16.93 1.00
N ILE C 120 -3.66 -16.81 -0.15
CA ILE C 120 -3.52 -15.51 -0.88
C ILE C 120 -4.88 -14.90 -1.09
N LEU C 121 -5.95 -15.33 -0.42
CA LEU C 121 -7.29 -14.79 -0.61
C LEU C 121 -7.34 -13.27 -0.48
N ARG C 122 -8.38 -12.77 -1.15
CA ARG C 122 -8.69 -11.37 -1.25
C ARG C 122 -7.54 -10.60 -1.86
N ASN C 123 -6.98 -11.16 -2.92
CA ASN C 123 -5.93 -10.47 -3.66
C ASN C 123 -6.50 -10.50 -5.11
N PRO C 124 -6.33 -9.45 -5.89
CA PRO C 124 -6.83 -9.40 -7.25
C PRO C 124 -6.38 -10.62 -8.01
N VAL C 125 -5.13 -11.08 -7.93
CA VAL C 125 -4.58 -12.25 -8.57
C VAL C 125 -5.44 -13.46 -8.51
N THR C 126 -6.28 -13.60 -7.51
CA THR C 126 -7.21 -14.69 -7.27
C THR C 126 -8.21 -14.94 -8.38
N ASN C 127 -8.64 -13.88 -9.04
CA ASN C 127 -9.62 -13.94 -10.11
C ASN C 127 -9.00 -14.15 -11.47
N LYS C 128 -7.67 -14.31 -11.53
CA LYS C 128 -7.03 -14.54 -12.80
C LYS C 128 -7.32 -15.96 -13.27
N LYS C 129 -7.48 -16.16 -14.58
CA LYS C 129 -7.79 -17.49 -15.07
C LYS C 129 -6.65 -18.42 -14.68
N HIS C 130 -7.01 -19.59 -14.21
CA HIS C 130 -6.11 -20.64 -13.79
C HIS C 130 -5.25 -20.29 -12.58
N TYR C 131 -5.58 -19.32 -11.76
CA TYR C 131 -4.81 -18.94 -10.59
C TYR C 131 -4.48 -20.13 -9.69
N ARG C 132 -5.43 -20.96 -9.35
CA ARG C 132 -5.14 -22.10 -8.50
C ARG C 132 -4.17 -23.06 -9.15
N LEU C 133 -4.41 -23.51 -10.36
CA LEU C 133 -3.48 -24.45 -11.03
C LEU C 133 -2.11 -23.82 -11.17
N TYR C 134 -2.02 -22.54 -11.50
CA TYR C 134 -0.71 -21.91 -11.61
C TYR C 134 0.05 -22.01 -10.31
N VAL C 135 -0.59 -21.71 -9.16
CA VAL C 135 0.13 -21.79 -7.91
C VAL C 135 0.59 -23.23 -7.65
N ILE C 136 -0.29 -24.19 -7.87
CA ILE C 136 0.06 -25.59 -7.63
C ILE C 136 1.26 -26.10 -8.40
N TYR C 137 1.39 -25.77 -9.67
CA TYR C 137 2.49 -26.18 -10.50
C TYR C 137 3.74 -25.39 -10.14
N LYS C 138 3.67 -24.08 -9.96
CA LYS C 138 4.83 -23.28 -9.63
C LYS C 138 5.29 -23.35 -8.20
N VAL C 139 4.45 -23.74 -7.25
CA VAL C 139 4.80 -23.85 -5.84
C VAL C 139 4.28 -25.20 -5.34
N PRO C 140 4.75 -26.31 -5.90
CA PRO C 140 4.33 -27.64 -5.54
C PRO C 140 4.53 -28.01 -4.11
N GLN C 141 5.47 -27.33 -3.40
CA GLN C 141 5.64 -27.66 -1.99
C GLN C 141 4.44 -27.31 -1.15
N VAL C 142 3.47 -26.53 -1.62
CA VAL C 142 2.31 -26.13 -0.87
C VAL C 142 1.37 -27.31 -0.77
N ARG C 143 0.85 -27.59 0.41
CA ARG C 143 -0.07 -28.69 0.64
C ARG C 143 -1.47 -28.16 0.88
N VAL C 144 -1.61 -26.99 1.48
CA VAL C 144 -2.92 -26.38 1.72
C VAL C 144 -2.89 -24.99 1.09
N LEU C 145 -3.77 -24.75 0.15
CA LEU C 145 -3.76 -23.44 -0.54
C LEU C 145 -5.11 -22.79 -0.29
N ASP C 146 -5.08 -21.57 0.25
CA ASP C 146 -6.36 -20.90 0.54
C ASP C 146 -7.29 -21.74 1.34
N PHE C 147 -6.85 -22.43 2.35
CA PHE C 147 -7.55 -23.32 3.26
C PHE C 147 -8.27 -24.49 2.61
N GLN C 148 -7.75 -24.93 1.48
CA GLN C 148 -8.30 -26.08 0.75
C GLN C 148 -7.10 -27.01 0.42
N LYS C 149 -7.20 -28.29 0.62
CA LYS C 149 -6.20 -29.27 0.35
C LYS C 149 -5.69 -29.38 -1.07
N VAL C 150 -4.39 -29.23 -1.35
CA VAL C 150 -4.02 -29.39 -2.79
C VAL C 150 -4.22 -30.87 -3.09
N LYS C 151 -5.11 -31.27 -3.98
CA LYS C 151 -5.35 -32.68 -4.32
C LYS C 151 -4.57 -33.15 -5.55
N LEU C 152 -4.37 -34.46 -5.67
CA LEU C 152 -3.66 -35.09 -6.78
C LEU C 152 -4.21 -34.71 -8.15
N LYS C 153 -5.56 -34.80 -8.26
CA LYS C 153 -6.19 -34.45 -9.52
C LYS C 153 -5.79 -33.03 -9.91
N GLU C 154 -5.71 -32.06 -8.98
CA GLU C 154 -5.33 -30.71 -9.37
C GLU C 154 -3.88 -30.70 -9.83
N ARG C 155 -3.02 -31.45 -9.15
CA ARG C 155 -1.61 -31.51 -9.53
C ARG C 155 -1.49 -32.02 -10.96
N GLN C 156 -2.13 -33.13 -11.28
CA GLN C 156 -2.10 -33.66 -12.65
C GLN C 156 -2.61 -32.62 -13.62
N GLU C 157 -3.76 -32.01 -13.36
CA GLU C 157 -4.33 -31.00 -14.24
C GLU C 157 -3.42 -29.82 -14.46
N ALA C 158 -2.61 -29.51 -13.46
CA ALA C 158 -1.67 -28.41 -13.54
C ALA C 158 -0.41 -28.89 -14.26
N GLU C 159 -0.26 -30.20 -14.38
CA GLU C 159 0.89 -30.77 -15.08
C GLU C 159 0.54 -30.67 -16.56
N LYS C 160 -0.71 -30.93 -16.96
CA LYS C 160 -1.07 -30.82 -18.37
C LYS C 160 -0.79 -29.35 -18.68
N MET C 161 -1.75 -28.49 -18.39
CA MET C 161 -1.56 -27.05 -18.63
C MET C 161 -0.21 -26.65 -18.08
N PHE C 162 0.67 -25.93 -18.74
CA PHE C 162 1.97 -25.54 -18.23
C PHE C 162 3.05 -26.60 -18.32
N LYS C 163 2.80 -27.82 -18.75
CA LYS C 163 3.80 -28.86 -18.86
C LYS C 163 5.08 -28.40 -19.52
N VAL D 2 -17.39 0.26 -6.96
CA VAL D 2 -17.08 1.69 -7.07
C VAL D 2 -16.01 1.86 -8.13
N LYS D 3 -16.35 1.19 -9.20
CA LYS D 3 -15.66 1.12 -10.45
C LYS D 3 -15.67 2.60 -10.91
N LEU D 4 -14.66 3.03 -11.63
CA LEU D 4 -14.66 4.41 -12.12
C LEU D 4 -15.60 4.25 -13.33
N THR D 5 -16.63 5.03 -13.39
CA THR D 5 -17.54 4.83 -14.55
C THR D 5 -18.00 6.07 -15.27
N ALA D 6 -18.64 5.86 -16.44
CA ALA D 6 -19.13 7.06 -17.17
C ALA D 6 -19.99 7.89 -16.23
N GLU D 7 -20.97 7.25 -15.62
CA GLU D 7 -21.85 7.90 -14.66
C GLU D 7 -21.08 8.62 -13.57
N LEU D 8 -20.04 8.02 -13.01
CA LEU D 8 -19.24 8.62 -11.95
C LEU D 8 -18.58 9.92 -12.37
N ILE D 9 -17.99 9.88 -13.56
CA ILE D 9 -17.33 11.02 -14.16
C ILE D 9 -18.32 12.15 -14.40
N GLU D 10 -19.55 11.85 -14.84
CA GLU D 10 -20.55 12.87 -15.08
C GLU D 10 -21.08 13.54 -13.82
N GLN D 11 -21.04 12.93 -12.64
CA GLN D 11 -21.57 13.64 -11.47
C GLN D 11 -20.49 14.26 -10.62
N ALA D 12 -19.24 14.07 -11.00
CA ALA D 12 -18.10 14.57 -10.25
C ALA D 12 -17.89 16.06 -10.38
N ALA D 13 -17.48 16.68 -9.29
CA ALA D 13 -17.20 18.10 -9.23
C ALA D 13 -16.22 18.42 -10.34
N GLN D 14 -16.52 19.47 -11.08
CA GLN D 14 -15.70 19.95 -12.20
C GLN D 14 -15.40 21.41 -11.89
N TYR D 15 -14.15 21.86 -11.93
CA TYR D 15 -13.84 23.26 -11.62
C TYR D 15 -12.52 23.77 -12.17
N THR D 16 -12.28 25.06 -12.01
CA THR D 16 -11.03 25.69 -12.46
C THR D 16 -10.17 25.68 -11.20
N ASN D 17 -8.89 25.29 -11.31
CA ASN D 17 -8.13 25.25 -10.05
C ASN D 17 -7.39 26.53 -9.75
N ALA D 18 -6.65 26.51 -8.65
CA ALA D 18 -5.84 27.62 -8.17
C ALA D 18 -4.72 28.03 -9.10
N VAL D 19 -4.31 27.21 -10.05
CA VAL D 19 -3.24 27.52 -10.98
C VAL D 19 -3.81 27.70 -12.38
N ARG D 20 -5.12 27.94 -12.44
CA ARG D 20 -5.88 28.20 -13.64
C ARG D 20 -5.96 27.09 -14.67
N ASP D 21 -6.28 25.89 -14.21
CA ASP D 21 -6.39 24.75 -15.12
C ASP D 21 -7.78 24.16 -14.89
N ARG D 22 -8.31 23.46 -15.88
CA ARG D 22 -9.62 22.85 -15.74
C ARG D 22 -9.36 21.47 -15.12
N GLU D 23 -9.91 21.20 -13.96
CA GLU D 23 -9.72 19.96 -13.26
C GLU D 23 -10.95 19.16 -12.89
N LEU D 24 -10.84 17.84 -13.00
CA LEU D 24 -11.89 16.91 -12.64
C LEU D 24 -11.53 16.31 -11.28
N ASP D 25 -12.41 16.38 -10.30
CA ASP D 25 -12.19 15.85 -8.97
C ASP D 25 -12.60 14.39 -8.86
N LEU D 26 -11.64 13.48 -8.74
CA LEU D 26 -11.98 12.05 -8.61
C LEU D 26 -11.48 11.53 -7.25
N ARG D 27 -11.30 12.40 -6.28
CA ARG D 27 -10.86 12.00 -4.96
C ARG D 27 -11.77 11.12 -4.13
N GLY D 28 -11.24 10.38 -3.17
CA GLY D 28 -11.94 9.54 -2.26
C GLY D 28 -13.06 8.64 -2.72
N TYR D 29 -13.06 8.14 -3.94
CA TYR D 29 -14.10 7.25 -4.41
C TYR D 29 -13.67 5.79 -4.31
N LYS D 30 -12.56 5.48 -3.66
CA LYS D 30 -12.07 4.12 -3.55
C LYS D 30 -11.97 3.39 -4.88
N ILE D 31 -11.54 4.11 -5.90
CA ILE D 31 -11.42 3.50 -7.22
C ILE D 31 -10.23 2.58 -7.25
N PRO D 32 -10.45 1.38 -7.72
CA PRO D 32 -9.38 0.38 -7.81
C PRO D 32 -8.64 0.39 -9.14
N VAL D 33 -9.32 0.60 -10.25
CA VAL D 33 -8.81 0.61 -11.60
C VAL D 33 -9.16 1.85 -12.45
N ILE D 34 -8.19 2.42 -13.16
CA ILE D 34 -8.42 3.58 -14.01
C ILE D 34 -9.07 3.05 -15.29
N GLU D 35 -10.26 3.52 -15.63
CA GLU D 35 -11.00 3.07 -16.81
C GLU D 35 -12.11 4.05 -17.19
N ASN D 36 -12.72 3.86 -18.37
CA ASN D 36 -13.80 4.71 -18.83
C ASN D 36 -13.48 6.18 -18.87
N LEU D 37 -12.26 6.65 -19.13
CA LEU D 37 -12.00 8.10 -19.13
C LEU D 37 -12.52 8.79 -20.37
N GLY D 38 -12.88 8.05 -21.40
CA GLY D 38 -13.43 8.57 -22.64
C GLY D 38 -14.55 9.53 -22.30
N ALA D 39 -15.39 9.22 -21.31
CA ALA D 39 -16.48 10.09 -20.90
C ALA D 39 -16.11 11.48 -20.41
N THR D 40 -14.85 11.84 -20.29
CA THR D 40 -14.36 13.13 -19.87
C THR D 40 -14.23 13.99 -21.14
N LEU D 41 -14.27 13.30 -22.28
CA LEU D 41 -14.18 13.81 -23.62
C LEU D 41 -12.96 14.63 -23.95
N ASP D 42 -11.88 14.49 -23.21
CA ASP D 42 -10.62 15.19 -23.34
C ASP D 42 -10.80 16.64 -22.96
N GLN D 43 -11.68 16.95 -22.01
CA GLN D 43 -11.89 18.35 -21.65
C GLN D 43 -11.21 18.86 -20.44
N PHE D 44 -10.25 18.11 -19.92
CA PHE D 44 -9.55 18.51 -18.71
C PHE D 44 -8.04 18.65 -18.84
N ASP D 45 -7.54 19.58 -18.02
CA ASP D 45 -6.12 19.89 -17.96
C ASP D 45 -5.45 19.08 -16.85
N ALA D 46 -6.24 18.83 -15.81
CA ALA D 46 -5.73 18.08 -14.67
C ALA D 46 -6.80 17.19 -14.10
N ILE D 47 -6.43 15.98 -13.68
CA ILE D 47 -7.40 15.07 -13.06
C ILE D 47 -6.83 14.78 -11.67
N ASP D 48 -7.61 14.91 -10.63
CA ASP D 48 -7.13 14.65 -9.27
C ASP D 48 -7.68 13.30 -8.84
N PHE D 49 -6.77 12.35 -8.71
CA PHE D 49 -7.09 10.99 -8.35
C PHE D 49 -6.58 10.66 -6.96
N SER D 50 -6.31 11.68 -6.15
CA SER D 50 -5.84 11.39 -4.81
C SER D 50 -6.86 10.55 -4.05
N ASP D 51 -6.39 9.95 -2.97
CA ASP D 51 -7.11 9.12 -2.06
C ASP D 51 -7.98 8.08 -2.75
N ASN D 52 -7.38 7.17 -3.52
CA ASN D 52 -8.17 6.13 -4.16
C ASN D 52 -7.36 4.85 -3.93
N GLU D 53 -7.59 3.77 -4.60
CA GLU D 53 -6.85 2.54 -4.40
C GLU D 53 -6.25 2.03 -5.70
N ILE D 54 -5.94 2.91 -6.62
CA ILE D 54 -5.36 2.55 -7.93
C ILE D 54 -4.01 1.90 -7.78
N ARG D 55 -3.81 0.76 -8.36
CA ARG D 55 -2.68 -0.09 -8.37
C ARG D 55 -1.74 0.03 -9.57
N LYS D 56 -2.34 0.45 -10.69
CA LYS D 56 -1.60 0.63 -11.91
C LYS D 56 -1.95 1.93 -12.65
N LEU D 57 -0.95 2.70 -13.00
CA LEU D 57 -1.07 3.93 -13.75
C LEU D 57 -1.06 3.47 -15.22
N ASP D 58 -2.20 3.07 -15.73
CA ASP D 58 -2.46 2.54 -17.04
C ASP D 58 -3.96 2.69 -17.34
N GLY D 59 -4.45 2.20 -18.45
CA GLY D 59 -5.82 2.29 -18.80
C GLY D 59 -6.45 3.58 -19.31
N PHE D 60 -5.69 4.56 -19.73
CA PHE D 60 -6.15 5.82 -20.24
C PHE D 60 -6.41 5.76 -21.75
N PRO D 61 -7.40 6.53 -22.20
CA PRO D 61 -7.73 6.65 -23.62
C PRO D 61 -6.83 7.76 -24.14
N LEU D 62 -6.98 8.23 -25.37
CA LEU D 62 -6.11 9.33 -25.84
C LEU D 62 -6.61 10.64 -25.23
N LEU D 63 -5.84 11.33 -24.43
CA LEU D 63 -6.27 12.57 -23.80
C LEU D 63 -5.16 13.58 -24.10
N ARG D 64 -5.36 14.40 -25.14
CA ARG D 64 -4.41 15.38 -25.57
C ARG D 64 -4.27 16.63 -24.74
N ARG D 65 -5.23 16.97 -23.93
CA ARG D 65 -5.23 18.14 -23.09
C ARG D 65 -4.76 17.83 -21.68
N LEU D 66 -4.74 16.56 -21.27
CA LEU D 66 -4.31 16.25 -19.91
C LEU D 66 -2.85 16.57 -19.68
N LYS D 67 -2.55 17.49 -18.80
CA LYS D 67 -1.18 17.84 -18.50
C LYS D 67 -0.82 17.56 -17.04
N THR D 68 -1.73 17.54 -16.08
CA THR D 68 -1.47 17.30 -14.68
C THR D 68 -2.21 16.09 -14.12
N LEU D 69 -1.46 15.21 -13.43
CA LEU D 69 -2.07 14.02 -12.84
C LEU D 69 -1.73 14.07 -11.37
N LEU D 70 -2.72 14.18 -10.52
CA LEU D 70 -2.52 14.22 -9.07
C LEU D 70 -2.93 12.81 -8.65
N VAL D 71 -1.96 11.97 -8.26
CA VAL D 71 -2.26 10.60 -7.87
C VAL D 71 -1.86 10.29 -6.44
N ASN D 72 -1.88 11.28 -5.57
CA ASN D 72 -1.55 11.13 -4.19
C ASN D 72 -2.30 9.96 -3.53
N ASN D 73 -1.70 9.52 -2.43
CA ASN D 73 -2.21 8.41 -1.65
C ASN D 73 -2.93 7.32 -2.43
N ASN D 74 -2.27 6.55 -3.28
CA ASN D 74 -2.93 5.46 -3.99
C ASN D 74 -2.12 4.19 -3.75
N ARG D 75 -2.11 3.19 -4.62
CA ARG D 75 -1.31 1.98 -4.38
C ARG D 75 -0.58 1.60 -5.65
N ILE D 76 -0.09 2.65 -6.32
CA ILE D 76 0.57 2.46 -7.60
C ILE D 76 1.82 1.58 -7.53
N CYS D 77 1.76 0.36 -8.03
CA CYS D 77 2.89 -0.54 -7.97
C CYS D 77 3.49 -0.74 -9.35
N ARG D 78 2.77 -0.34 -10.39
CA ARG D 78 3.28 -0.49 -11.76
C ARG D 78 2.86 0.68 -12.63
N ILE D 79 3.71 1.05 -13.58
CA ILE D 79 3.50 2.13 -14.51
C ILE D 79 3.36 1.56 -15.92
N GLY D 80 2.27 1.83 -16.60
CA GLY D 80 1.95 1.35 -17.94
C GLY D 80 3.02 1.57 -18.99
N GLU D 81 3.11 0.70 -19.99
CA GLU D 81 4.10 0.82 -21.03
C GLU D 81 3.82 1.81 -22.15
N GLY D 82 2.60 2.11 -22.58
CA GLY D 82 2.50 3.10 -23.67
C GLY D 82 1.94 4.43 -23.22
N LEU D 83 2.22 4.89 -22.00
CA LEU D 83 1.66 6.14 -21.53
C LEU D 83 1.73 7.31 -22.46
N ASP D 84 2.84 7.54 -23.13
CA ASP D 84 3.03 8.65 -24.06
C ASP D 84 2.05 8.57 -25.20
N GLN D 85 1.72 7.37 -25.64
CA GLN D 85 0.75 7.15 -26.72
C GLN D 85 -0.63 7.61 -26.31
N ALA D 86 -0.97 7.66 -25.03
CA ALA D 86 -2.28 8.10 -24.58
C ALA D 86 -2.24 9.47 -23.93
N LEU D 87 -1.12 9.88 -23.37
CA LEU D 87 -0.97 11.17 -22.70
C LEU D 87 0.30 11.87 -23.18
N PRO D 88 0.30 12.38 -24.40
CA PRO D 88 1.42 13.04 -25.03
C PRO D 88 2.03 14.26 -24.41
N ASP D 89 1.26 15.07 -23.72
CA ASP D 89 1.73 16.27 -23.08
C ASP D 89 1.70 16.16 -21.56
N LEU D 90 1.66 14.94 -21.01
CA LEU D 90 1.64 14.83 -19.53
C LEU D 90 2.80 15.68 -19.04
N THR D 91 2.67 16.67 -18.20
CA THR D 91 3.81 17.48 -17.77
C THR D 91 4.17 17.44 -16.28
N GLU D 92 3.19 17.06 -15.48
CA GLU D 92 3.26 16.94 -14.06
C GLU D 92 2.63 15.65 -13.54
N LEU D 93 3.41 14.85 -12.82
CA LEU D 93 2.93 13.59 -12.28
C LEU D 93 3.31 13.56 -10.81
N ILE D 94 2.32 13.55 -9.89
CA ILE D 94 2.58 13.53 -8.46
C ILE D 94 2.17 12.16 -7.94
N LEU D 95 3.13 11.32 -7.53
CA LEU D 95 2.81 9.97 -7.06
C LEU D 95 3.13 9.75 -5.58
N THR D 96 3.15 10.80 -4.78
CA THR D 96 3.42 10.79 -3.38
C THR D 96 2.59 9.74 -2.66
N ASN D 97 3.24 9.06 -1.72
CA ASN D 97 2.61 8.03 -0.91
C ASN D 97 1.96 6.94 -1.73
N ASN D 98 2.75 6.21 -2.49
CA ASN D 98 2.22 5.11 -3.30
C ASN D 98 3.05 3.86 -3.03
N SER D 99 2.98 2.84 -3.80
CA SER D 99 3.63 1.58 -3.71
C SER D 99 4.76 1.36 -4.73
N LEU D 100 5.46 2.38 -5.20
CA LEU D 100 6.50 2.01 -6.20
C LEU D 100 7.62 1.32 -5.47
N VAL D 101 7.93 0.05 -5.75
CA VAL D 101 9.02 -0.59 -4.98
C VAL D 101 10.34 -0.86 -5.67
N GLU D 102 10.41 -0.89 -6.98
CA GLU D 102 11.69 -1.14 -7.65
C GLU D 102 12.06 -0.06 -8.63
N LEU D 103 13.32 0.35 -8.66
CA LEU D 103 13.83 1.34 -9.58
C LEU D 103 13.41 1.01 -11.01
N GLY D 104 13.45 -0.25 -11.42
CA GLY D 104 13.07 -0.71 -12.73
C GLY D 104 11.62 -0.44 -13.06
N ASP D 105 10.78 -0.27 -12.06
CA ASP D 105 9.36 0.02 -12.21
C ASP D 105 9.16 1.48 -12.64
N LEU D 106 10.14 2.33 -12.39
CA LEU D 106 10.07 3.71 -12.79
C LEU D 106 10.48 3.84 -14.28
N ASP D 107 10.92 2.76 -14.95
CA ASP D 107 11.35 2.77 -16.31
C ASP D 107 10.41 3.35 -17.35
N PRO D 108 9.15 3.00 -17.39
CA PRO D 108 8.21 3.53 -18.37
C PRO D 108 8.02 5.02 -18.36
N LEU D 109 8.44 5.81 -17.36
CA LEU D 109 8.27 7.25 -17.40
C LEU D 109 9.20 7.92 -18.42
N ALA D 110 10.15 7.16 -18.96
CA ALA D 110 11.14 7.60 -19.91
C ALA D 110 10.49 8.00 -21.22
N SER D 111 9.38 7.35 -21.53
CA SER D 111 8.63 7.57 -22.75
C SER D 111 7.77 8.81 -22.72
N LEU D 112 7.54 9.39 -21.56
CA LEU D 112 6.73 10.60 -21.42
C LEU D 112 7.61 11.78 -21.75
N LYS D 113 7.70 12.14 -23.03
CA LYS D 113 8.55 13.24 -23.48
C LYS D 113 8.36 14.59 -22.86
N SER D 114 7.18 14.99 -22.41
CA SER D 114 7.01 16.30 -21.80
C SER D 114 7.06 16.25 -20.29
N LEU D 115 7.18 15.08 -19.67
CA LEU D 115 7.25 14.98 -18.22
C LEU D 115 8.30 15.92 -17.66
N THR D 116 7.90 16.88 -16.84
CA THR D 116 8.85 17.84 -16.28
C THR D 116 8.83 17.97 -14.78
N TYR D 117 7.72 17.65 -14.15
CA TYR D 117 7.55 17.74 -12.71
C TYR D 117 7.14 16.33 -12.29
N LEU D 118 8.05 15.75 -11.48
CA LEU D 118 7.86 14.42 -10.97
C LEU D 118 8.12 14.44 -9.46
N CYS D 119 7.28 13.73 -8.71
CA CYS D 119 7.36 13.61 -7.27
C CYS D 119 6.99 12.16 -6.93
N ILE D 120 7.96 11.42 -6.39
CA ILE D 120 7.73 10.01 -6.04
C ILE D 120 7.89 9.79 -4.53
N LEU D 121 7.85 10.83 -3.72
CA LEU D 121 7.99 10.77 -2.29
C LEU D 121 7.04 9.78 -1.65
N ARG D 122 7.50 9.22 -0.54
CA ARG D 122 6.92 8.25 0.35
C ARG D 122 6.56 6.99 -0.39
N ASN D 123 7.49 6.57 -1.20
CA ASN D 123 7.38 5.34 -2.00
C ASN D 123 8.68 4.62 -1.62
N PRO D 124 8.62 3.34 -1.31
CA PRO D 124 9.81 2.58 -0.92
C PRO D 124 10.95 2.78 -1.88
N VAL D 125 10.79 2.93 -3.17
CA VAL D 125 11.81 3.15 -4.18
C VAL D 125 12.74 4.27 -3.74
N THR D 126 12.26 5.29 -3.09
CA THR D 126 12.94 6.45 -2.57
C THR D 126 14.18 6.14 -1.77
N ASN D 127 14.22 5.10 -0.96
CA ASN D 127 15.36 4.73 -0.15
C ASN D 127 16.41 3.84 -0.80
N LYS D 128 16.17 3.29 -1.96
CA LYS D 128 17.13 2.43 -2.64
C LYS D 128 18.33 3.31 -2.95
N LYS D 129 19.46 2.63 -3.08
CA LYS D 129 20.72 3.30 -3.37
C LYS D 129 20.75 3.86 -4.78
N HIS D 130 21.07 5.12 -4.96
CA HIS D 130 21.15 5.76 -6.25
C HIS D 130 19.78 6.06 -6.84
N TYR D 131 18.78 6.24 -5.98
CA TYR D 131 17.43 6.51 -6.45
C TYR D 131 17.44 7.74 -7.33
N ARG D 132 17.85 8.81 -6.67
CA ARG D 132 17.92 10.11 -7.30
C ARG D 132 18.62 10.05 -8.64
N LEU D 133 19.88 9.64 -8.66
CA LEU D 133 20.66 9.58 -9.90
C LEU D 133 20.09 8.64 -10.92
N TYR D 134 19.46 7.55 -10.54
CA TYR D 134 18.89 6.64 -11.53
C TYR D 134 17.77 7.31 -12.30
N VAL D 135 16.84 7.97 -11.59
CA VAL D 135 15.73 8.65 -12.25
C VAL D 135 16.27 9.76 -13.14
N ILE D 136 17.28 10.50 -12.66
CA ILE D 136 17.80 11.58 -13.48
C ILE D 136 18.27 11.07 -14.83
N TYR D 137 19.09 10.04 -14.87
CA TYR D 137 19.63 9.48 -16.10
C TYR D 137 18.57 8.77 -16.89
N LYS D 138 17.67 8.03 -16.27
CA LYS D 138 16.64 7.31 -16.99
C LYS D 138 15.52 8.17 -17.53
N VAL D 139 15.20 9.29 -16.91
CA VAL D 139 14.16 10.22 -17.24
C VAL D 139 14.72 11.63 -17.17
N PRO D 140 15.64 11.96 -18.07
CA PRO D 140 16.29 13.26 -18.13
C PRO D 140 15.36 14.42 -18.44
N GLN D 141 14.19 14.21 -19.02
CA GLN D 141 13.28 15.30 -19.31
C GLN D 141 12.77 15.94 -18.01
N VAL D 142 12.79 15.23 -16.88
CA VAL D 142 12.30 15.76 -15.62
C VAL D 142 13.21 16.90 -15.17
N ARG D 143 12.64 18.03 -14.83
CA ARG D 143 13.45 19.17 -14.39
C ARG D 143 13.28 19.43 -12.92
N VAL D 144 12.24 18.93 -12.27
CA VAL D 144 12.04 19.15 -10.84
C VAL D 144 11.69 17.78 -10.26
N LEU D 145 12.57 17.19 -9.46
CA LEU D 145 12.29 15.85 -8.90
C LEU D 145 12.13 15.89 -7.40
N ASP D 146 10.95 15.44 -6.93
CA ASP D 146 10.70 15.46 -5.48
C ASP D 146 10.85 16.87 -4.93
N PHE D 147 10.33 17.87 -5.65
CA PHE D 147 10.34 19.26 -5.29
C PHE D 147 11.69 19.90 -5.07
N GLN D 148 12.67 19.38 -5.82
CA GLN D 148 14.06 19.79 -5.81
C GLN D 148 14.54 19.93 -7.25
N LYS D 149 15.19 21.03 -7.56
CA LYS D 149 15.65 21.23 -8.94
C LYS D 149 16.58 20.14 -9.41
N VAL D 150 16.45 19.66 -10.66
CA VAL D 150 17.40 18.66 -11.13
C VAL D 150 18.58 19.52 -11.60
N LYS D 151 19.71 19.43 -10.91
CA LYS D 151 20.88 20.23 -11.24
C LYS D 151 21.83 19.57 -12.23
N LEU D 152 22.70 20.38 -12.84
CA LEU D 152 23.68 19.94 -13.81
C LEU D 152 24.67 18.98 -13.18
N LYS D 153 25.13 19.34 -11.98
CA LYS D 153 26.10 18.51 -11.27
C LYS D 153 25.55 17.10 -11.09
N GLU D 154 24.24 16.98 -10.81
CA GLU D 154 23.64 15.67 -10.65
C GLU D 154 23.60 14.93 -11.97
N ARG D 155 23.25 15.65 -13.05
CA ARG D 155 23.18 14.99 -14.36
C ARG D 155 24.53 14.41 -14.73
N GLN D 156 25.58 15.21 -14.55
CA GLN D 156 26.93 14.73 -14.87
C GLN D 156 27.28 13.50 -14.03
N GLU D 157 26.96 13.57 -12.73
CA GLU D 157 27.23 12.49 -11.81
C GLU D 157 26.48 11.24 -12.22
N ALA D 158 25.28 11.45 -12.75
CA ALA D 158 24.47 10.32 -13.18
C ALA D 158 24.99 9.80 -14.50
N GLU D 159 25.71 10.61 -15.26
CA GLU D 159 26.26 10.18 -16.55
C GLU D 159 27.45 9.26 -16.26
N LYS D 160 28.29 9.56 -15.27
CA LYS D 160 29.39 8.65 -14.95
C LYS D 160 28.71 7.33 -14.56
N MET D 161 28.11 7.25 -13.39
CA MET D 161 27.41 6.02 -13.00
C MET D 161 26.48 5.67 -14.15
N PHE D 162 26.20 4.45 -14.55
CA PHE D 162 25.26 4.16 -15.66
C PHE D 162 25.68 4.48 -17.08
N LYS D 163 26.78 5.13 -17.38
CA LYS D 163 27.25 5.48 -18.69
C LYS D 163 27.38 4.44 -19.77
N GLY D 164 28.43 3.61 -19.70
CA GLY D 164 28.68 2.61 -20.73
C GLY D 164 28.23 1.21 -20.45
N LYS D 165 28.86 0.24 -21.10
CA LYS D 165 28.54 -1.17 -20.91
C LYS D 165 28.40 -1.48 -19.43
N ARG D 166 29.44 -1.30 -18.63
CA ARG D 166 29.42 -1.55 -17.19
C ARG D 166 28.29 -0.83 -16.48
N GLY D 167 28.02 0.41 -16.87
CA GLY D 167 26.96 1.21 -16.27
C GLY D 167 25.59 0.63 -16.63
N ALA D 168 25.46 0.02 -17.80
CA ALA D 168 24.20 -0.57 -18.24
C ALA D 168 23.94 -1.81 -17.40
N GLN D 169 25.03 -2.46 -16.98
CA GLN D 169 24.93 -3.66 -16.14
C GLN D 169 24.62 -3.18 -14.72
N LEU D 170 25.04 -1.97 -14.33
CA LEU D 170 24.76 -1.47 -13.00
C LEU D 170 23.24 -1.25 -12.82
N ALA D 171 22.63 -0.64 -13.83
CA ALA D 171 21.22 -0.35 -13.87
C ALA D 171 20.29 -1.54 -13.86
N LYS D 172 20.58 -2.60 -14.61
CA LYS D 172 19.76 -3.78 -14.67
C LYS D 172 19.79 -4.59 -13.38
N ASP D 173 20.87 -4.46 -12.64
CA ASP D 173 21.07 -5.15 -11.38
C ASP D 173 20.51 -4.37 -10.20
N ILE D 174 20.10 -3.13 -10.43
CA ILE D 174 19.57 -2.28 -9.37
C ILE D 174 18.07 -2.30 -9.22
N ALA D 175 17.36 -3.22 -9.86
CA ALA D 175 15.92 -3.33 -9.74
C ALA D 175 15.48 -4.76 -9.41
N ILE E 3 -28.87 -14.89 21.81
CA ILE E 3 -27.42 -14.99 21.94
C ILE E 3 -26.72 -13.69 21.57
N ARG E 4 -26.37 -12.92 22.60
CA ARG E 4 -25.68 -11.64 22.46
C ARG E 4 -24.24 -11.79 21.95
N PRO E 5 -23.75 -10.71 21.36
CA PRO E 5 -22.40 -10.65 20.82
C PRO E 5 -21.45 -11.16 21.86
N ASN E 6 -20.42 -11.89 21.44
CA ASN E 6 -19.48 -12.48 22.37
C ASN E 6 -18.08 -12.47 21.86
N HIS E 7 -17.07 -12.49 22.71
CA HIS E 7 -15.67 -12.48 22.29
C HIS E 7 -15.33 -13.77 21.57
N THR E 8 -16.03 -14.83 21.90
CA THR E 8 -15.85 -16.15 21.37
C THR E 8 -16.96 -16.50 20.39
N ILE E 9 -16.57 -17.10 19.28
CA ILE E 9 -17.47 -17.56 18.25
C ILE E 9 -17.41 -19.08 18.27
N TYR E 10 -18.50 -19.72 17.99
CA TYR E 10 -18.70 -21.14 17.96
C TYR E 10 -18.86 -21.51 16.48
N ILE E 11 -18.02 -22.38 15.96
CA ILE E 11 -18.08 -22.79 14.58
C ILE E 11 -18.48 -24.24 14.49
N ASN E 12 -19.35 -24.64 13.58
CA ASN E 12 -19.73 -26.05 13.44
C ASN E 12 -19.86 -26.37 11.95
N ASN E 13 -20.06 -27.61 11.58
CA ASN E 13 -20.15 -27.98 10.18
C ASN E 13 -18.75 -27.99 9.54
N MET E 14 -17.72 -28.27 10.31
CA MET E 14 -16.35 -28.33 9.87
C MET E 14 -16.02 -29.78 9.49
N ASN E 15 -15.18 -29.94 8.52
CA ASN E 15 -14.73 -31.22 7.99
C ASN E 15 -13.96 -31.81 9.14
N ASP E 16 -14.41 -32.84 9.78
CA ASP E 16 -13.75 -33.48 10.90
C ASP E 16 -12.62 -34.41 10.50
N LYS E 17 -12.17 -34.50 9.25
CA LYS E 17 -11.10 -35.37 8.84
C LYS E 17 -9.75 -34.66 9.01
N ILE E 18 -9.78 -33.36 9.23
CA ILE E 18 -8.51 -32.64 9.38
C ILE E 18 -7.91 -32.97 10.72
N LYS E 19 -6.64 -33.21 10.87
CA LYS E 19 -6.08 -33.53 12.19
C LYS E 19 -6.25 -32.30 13.06
N LYS E 20 -6.43 -32.47 14.35
CA LYS E 20 -6.62 -31.41 15.31
C LYS E 20 -5.63 -30.27 15.29
N GLU E 21 -4.33 -30.53 15.21
CA GLU E 21 -3.35 -29.46 15.23
C GLU E 21 -3.31 -28.65 13.96
N GLU E 22 -3.68 -29.24 12.83
CA GLU E 22 -3.72 -28.59 11.55
C GLU E 22 -4.98 -27.74 11.51
N LEU E 23 -6.08 -28.28 12.04
CA LEU E 23 -7.35 -27.54 12.07
C LEU E 23 -7.18 -26.23 12.87
N LYS E 24 -6.61 -26.39 14.07
CA LYS E 24 -6.38 -25.25 14.90
C LYS E 24 -5.44 -24.25 14.20
N ARG E 25 -4.38 -24.71 13.54
CA ARG E 25 -3.46 -23.74 12.91
C ARG E 25 -4.11 -23.07 11.72
N SER E 26 -4.97 -23.70 10.97
CA SER E 26 -5.60 -23.02 9.83
C SER E 26 -6.64 -22.05 10.38
N LEU E 27 -7.29 -22.44 11.47
CA LEU E 27 -8.32 -21.61 12.09
C LEU E 27 -7.66 -20.34 12.56
N TYR E 28 -6.50 -20.47 13.18
CA TYR E 28 -5.78 -19.32 13.67
C TYR E 28 -5.43 -18.38 12.54
N ALA E 29 -4.93 -18.93 11.44
CA ALA E 29 -4.49 -18.20 10.26
C ALA E 29 -5.69 -17.48 9.67
N LEU E 30 -6.74 -18.19 9.28
CA LEU E 30 -7.92 -17.59 8.75
C LEU E 30 -8.52 -16.44 9.58
N PHE E 31 -8.68 -16.65 10.90
CA PHE E 31 -9.25 -15.66 11.77
C PHE E 31 -8.33 -14.56 12.23
N SER E 32 -7.05 -14.59 11.93
CA SER E 32 -6.12 -13.55 12.34
C SER E 32 -6.41 -12.27 11.59
N GLN E 33 -7.03 -12.38 10.41
CA GLN E 33 -7.33 -11.20 9.62
C GLN E 33 -8.26 -10.25 10.34
N PHE E 34 -9.07 -10.64 11.30
CA PHE E 34 -9.96 -9.73 11.99
C PHE E 34 -9.54 -9.17 13.32
N GLY E 35 -8.51 -9.72 13.95
CA GLY E 35 -8.02 -9.27 15.23
C GLY E 35 -7.25 -10.42 15.84
N HIS E 36 -6.57 -10.13 16.93
CA HIS E 36 -5.79 -11.12 17.64
C HIS E 36 -6.66 -12.23 18.19
N VAL E 37 -6.37 -13.48 17.86
CA VAL E 37 -7.11 -14.62 18.39
C VAL E 37 -6.35 -15.05 19.65
N VAL E 38 -6.96 -15.01 20.81
CA VAL E 38 -6.33 -15.36 22.06
C VAL E 38 -6.13 -16.84 22.20
N ASP E 39 -7.12 -17.62 21.79
CA ASP E 39 -7.02 -19.08 21.91
C ASP E 39 -8.09 -19.80 21.12
N ILE E 40 -7.91 -21.09 20.84
CA ILE E 40 -8.85 -21.87 20.09
C ILE E 40 -9.13 -23.17 20.79
N VAL E 41 -10.37 -23.53 21.06
CA VAL E 41 -10.69 -24.78 21.73
C VAL E 41 -11.39 -25.69 20.73
N ALA E 42 -10.78 -26.84 20.45
CA ALA E 42 -11.37 -27.76 19.48
C ALA E 42 -10.96 -29.16 19.87
N LEU E 43 -11.93 -30.06 20.00
CA LEU E 43 -11.66 -31.44 20.37
C LEU E 43 -12.21 -32.40 19.32
N LYS E 44 -11.72 -33.63 19.30
CA LYS E 44 -12.23 -34.55 18.28
C LYS E 44 -13.14 -35.60 18.91
N THR E 45 -13.55 -35.41 20.17
CA THR E 45 -14.43 -36.39 20.78
C THR E 45 -15.64 -36.53 19.90
N MET E 46 -16.47 -37.52 20.16
CA MET E 46 -17.67 -37.73 19.35
C MET E 46 -18.48 -36.45 19.53
N LYS E 47 -18.74 -36.09 20.78
CA LYS E 47 -19.48 -34.90 21.09
C LYS E 47 -19.02 -33.63 20.40
N MET E 48 -17.74 -33.29 20.57
CA MET E 48 -17.20 -32.08 20.01
C MET E 48 -16.65 -32.08 18.62
N ARG E 49 -16.40 -33.19 17.96
CA ARG E 49 -15.89 -33.18 16.59
C ARG E 49 -16.66 -32.25 15.66
N GLY E 50 -16.04 -31.65 14.68
CA GLY E 50 -16.56 -30.77 13.67
C GLY E 50 -16.87 -29.35 14.09
N GLN E 51 -16.42 -29.01 15.30
CA GLN E 51 -16.60 -27.78 15.99
C GLN E 51 -15.36 -27.13 16.59
N ALA E 52 -15.48 -25.82 16.86
CA ALA E 52 -14.38 -25.11 17.46
C ALA E 52 -14.87 -23.80 18.05
N PHE E 53 -14.17 -23.36 19.08
CA PHE E 53 -14.51 -22.09 19.72
C PHE E 53 -13.33 -21.17 19.38
N VAL E 54 -13.51 -20.00 18.78
CA VAL E 54 -12.37 -19.14 18.45
C VAL E 54 -12.54 -17.91 19.35
N ILE E 55 -11.55 -17.58 20.17
CA ILE E 55 -11.59 -16.50 21.10
C ILE E 55 -10.76 -15.30 20.69
N PHE E 56 -11.36 -14.13 20.61
CA PHE E 56 -10.63 -12.94 20.23
C PHE E 56 -10.45 -11.94 21.37
N LYS E 57 -9.37 -11.19 21.39
CA LYS E 57 -9.13 -10.18 22.40
C LYS E 57 -10.25 -9.13 22.30
N GLU E 58 -10.50 -8.61 21.11
CA GLU E 58 -11.51 -7.60 20.89
C GLU E 58 -12.84 -8.21 20.45
N LEU E 59 -13.93 -7.66 20.96
CA LEU E 59 -15.28 -8.05 20.67
C LEU E 59 -15.65 -7.62 19.26
N GLY E 60 -15.24 -6.44 18.83
CA GLY E 60 -15.56 -5.98 17.48
C GLY E 60 -14.99 -6.99 16.47
N SER E 61 -13.81 -7.55 16.79
CA SER E 61 -13.18 -8.55 15.93
C SER E 61 -14.06 -9.79 15.79
N SER E 62 -14.67 -10.25 16.85
CA SER E 62 -15.54 -11.41 16.82
C SER E 62 -16.76 -11.14 15.95
N THR E 63 -17.38 -9.99 16.10
CA THR E 63 -18.56 -9.64 15.29
C THR E 63 -18.19 -9.55 13.83
N ASN E 64 -17.07 -8.94 13.49
CA ASN E 64 -16.65 -8.82 12.09
C ASN E 64 -16.39 -10.17 11.44
N ALA E 65 -15.74 -11.03 12.20
CA ALA E 65 -15.42 -12.39 11.78
C ALA E 65 -16.74 -13.09 11.48
N LEU E 66 -17.66 -13.09 12.43
CA LEU E 66 -18.95 -13.73 12.24
C LEU E 66 -19.70 -13.34 10.96
N ARG E 67 -19.83 -12.07 10.67
CA ARG E 67 -20.52 -11.59 9.51
C ARG E 67 -19.78 -11.87 8.21
N GLN E 68 -18.46 -11.67 8.22
CA GLN E 68 -17.69 -11.88 6.99
C GLN E 68 -17.37 -13.30 6.60
N LEU E 69 -17.25 -14.22 7.55
CA LEU E 69 -16.94 -15.59 7.21
C LEU E 69 -18.13 -16.52 7.33
N GLN E 70 -19.35 -16.03 7.40
CA GLN E 70 -20.51 -16.94 7.50
C GLN E 70 -20.56 -17.78 6.23
N GLY E 71 -20.55 -19.09 6.30
CA GLY E 71 -20.59 -19.98 5.15
C GLY E 71 -19.33 -20.02 4.32
N PHE E 72 -18.18 -19.67 4.87
CA PHE E 72 -16.93 -19.70 4.11
C PHE E 72 -16.50 -21.14 3.94
N PRO E 73 -16.16 -21.50 2.72
CA PRO E 73 -15.72 -22.85 2.38
C PRO E 73 -14.37 -23.08 3.07
N PHE E 74 -14.32 -24.07 3.93
CA PHE E 74 -13.11 -24.35 4.68
C PHE E 74 -12.87 -25.83 4.57
N TYR E 75 -11.76 -26.23 3.94
CA TYR E 75 -11.47 -27.64 3.76
C TYR E 75 -12.71 -28.27 3.14
N GLY E 76 -13.27 -27.70 2.07
CA GLY E 76 -14.44 -28.30 1.47
C GLY E 76 -15.81 -28.04 2.02
N LYS E 77 -16.05 -27.60 3.24
CA LYS E 77 -17.43 -27.38 3.68
C LYS E 77 -17.65 -25.93 4.07
N PRO E 78 -18.86 -25.47 3.93
CA PRO E 78 -19.25 -24.08 4.28
C PRO E 78 -19.34 -23.95 5.77
N MET E 79 -18.51 -23.22 6.48
CA MET E 79 -18.64 -23.18 7.93
C MET E 79 -19.82 -22.38 8.45
N ARG E 80 -20.39 -22.76 9.58
CA ARG E 80 -21.53 -22.06 10.18
C ARG E 80 -20.95 -21.47 11.47
N ILE E 81 -21.14 -20.15 11.59
CA ILE E 81 -20.59 -19.45 12.76
C ILE E 81 -21.69 -18.88 13.61
N GLN E 82 -21.52 -18.78 14.92
CA GLN E 82 -22.50 -18.23 15.83
C GLN E 82 -21.76 -17.72 17.06
N TYR E 83 -22.38 -16.86 17.86
CA TYR E 83 -21.76 -16.35 19.07
C TYR E 83 -21.88 -17.48 20.08
N ALA E 84 -20.91 -17.73 20.91
CA ALA E 84 -20.98 -18.79 21.90
C ALA E 84 -22.02 -18.52 22.96
N LYS E 85 -22.56 -19.57 23.56
CA LYS E 85 -23.57 -19.48 24.59
C LYS E 85 -23.05 -18.85 25.86
N THR E 86 -21.87 -19.23 26.31
CA THR E 86 -21.24 -18.72 27.49
C THR E 86 -19.94 -17.99 27.16
N ASP E 87 -19.39 -17.36 28.19
CA ASP E 87 -18.14 -16.64 28.12
C ASP E 87 -17.03 -17.67 28.30
N SER E 88 -15.94 -17.52 27.59
CA SER E 88 -14.81 -18.43 27.64
C SER E 88 -14.01 -18.25 28.92
N ASP E 89 -13.56 -19.34 29.52
CA ASP E 89 -12.79 -19.29 30.75
C ASP E 89 -11.65 -18.29 30.71
N ILE E 90 -10.93 -18.24 29.62
CA ILE E 90 -9.80 -17.33 29.41
C ILE E 90 -10.25 -15.88 29.46
N ILE E 91 -11.44 -15.59 28.94
CA ILE E 91 -11.96 -14.24 28.92
C ILE E 91 -12.30 -13.86 30.38
N SER E 92 -12.99 -14.75 31.08
CA SER E 92 -13.35 -14.48 32.46
C SER E 92 -12.13 -14.21 33.32
N LYS E 93 -11.01 -14.89 33.10
CA LYS E 93 -9.80 -14.71 33.87
C LYS E 93 -9.06 -13.44 33.50
N MET E 94 -9.17 -13.05 32.24
CA MET E 94 -8.52 -11.86 31.72
C MET E 94 -9.28 -10.60 32.15
N ARG E 95 -10.58 -10.72 32.43
CA ARG E 95 -11.43 -9.63 32.85
C ARG E 95 -11.38 -9.40 34.37
N GLY E 96 -11.24 -10.44 35.17
CA GLY E 96 -11.24 -10.28 36.59
C GLY E 96 -10.17 -10.89 37.47
N ILE F 3 -2.62 33.62 17.17
CA ILE F 3 -2.94 33.25 15.80
C ILE F 3 -3.69 31.93 15.77
N ARG F 4 -5.01 32.04 15.64
CA ARG F 4 -5.87 30.88 15.60
C ARG F 4 -5.85 30.17 14.25
N PRO F 5 -6.33 28.93 14.24
CA PRO F 5 -6.40 28.15 13.02
C PRO F 5 -7.10 28.98 11.95
N ASN F 6 -6.69 28.78 10.71
CA ASN F 6 -7.25 29.49 9.58
C ASN F 6 -7.29 28.67 8.31
N HIS F 7 -8.16 29.07 7.38
CA HIS F 7 -8.29 28.37 6.11
C HIS F 7 -7.04 28.56 5.25
N THR F 8 -6.45 29.74 5.36
CA THR F 8 -5.25 30.09 4.63
C THR F 8 -4.05 30.03 5.56
N ILE F 9 -2.96 29.53 5.01
CA ILE F 9 -1.69 29.38 5.71
C ILE F 9 -0.66 30.28 5.05
N TYR F 10 0.30 30.75 5.82
CA TYR F 10 1.37 31.61 5.33
C TYR F 10 2.69 30.85 5.34
N ILE F 11 3.33 30.83 4.17
CA ILE F 11 4.60 30.12 4.05
C ILE F 11 5.67 31.19 3.82
N ASN F 12 6.83 31.00 4.44
CA ASN F 12 7.92 31.95 4.23
C ASN F 12 9.18 31.09 4.28
N ASN F 13 10.31 31.66 3.91
CA ASN F 13 11.58 30.93 3.92
C ASN F 13 11.70 30.08 2.67
N MET F 14 11.02 30.47 1.60
CA MET F 14 11.08 29.72 0.37
C MET F 14 12.08 30.36 -0.60
N ASN F 15 12.65 29.49 -1.40
CA ASN F 15 13.64 29.85 -2.42
C ASN F 15 13.05 30.82 -3.40
N ASP F 16 13.43 32.09 -3.35
CA ASP F 16 12.88 33.09 -4.25
C ASP F 16 13.43 33.09 -5.66
N LYS F 17 14.21 32.07 -6.06
CA LYS F 17 14.74 32.06 -7.41
C LYS F 17 13.81 31.36 -8.36
N ILE F 18 12.95 30.50 -7.83
CA ILE F 18 12.00 29.77 -8.66
C ILE F 18 11.04 30.73 -9.30
N LYS F 19 10.74 30.57 -10.58
CA LYS F 19 9.79 31.50 -11.22
C LYS F 19 8.46 31.41 -10.50
N LYS F 20 7.73 32.51 -10.42
CA LYS F 20 6.44 32.62 -9.78
C LYS F 20 5.49 31.52 -10.20
N GLU F 21 5.27 31.31 -11.50
CA GLU F 21 4.34 30.27 -11.93
C GLU F 21 4.77 28.86 -11.59
N GLU F 22 6.04 28.53 -11.47
CA GLU F 22 6.50 27.20 -11.11
C GLU F 22 6.29 27.01 -9.61
N LEU F 23 6.56 28.09 -8.88
CA LEU F 23 6.39 28.04 -7.44
C LEU F 23 4.93 27.75 -7.09
N LYS F 24 3.99 28.41 -7.77
CA LYS F 24 2.57 28.17 -7.45
C LYS F 24 2.24 26.75 -7.83
N ARG F 25 2.53 26.35 -9.07
CA ARG F 25 2.22 24.97 -9.48
C ARG F 25 2.81 23.96 -8.51
N SER F 26 4.10 24.10 -8.12
CA SER F 26 4.69 23.16 -7.20
C SER F 26 3.99 23.18 -5.86
N LEU F 27 3.63 24.34 -5.40
CA LEU F 27 2.94 24.53 -4.11
C LEU F 27 1.61 23.80 -4.21
N TYR F 28 0.91 24.00 -5.32
CA TYR F 28 -0.38 23.33 -5.53
C TYR F 28 -0.22 21.83 -5.43
N ALA F 29 0.71 21.23 -6.15
CA ALA F 29 0.95 19.79 -6.13
C ALA F 29 1.37 19.28 -4.76
N LEU F 30 2.28 19.92 -4.03
CA LEU F 30 2.67 19.43 -2.72
C LEU F 30 1.50 19.44 -1.72
N PHE F 31 0.75 20.57 -1.69
CA PHE F 31 -0.37 20.70 -0.78
C PHE F 31 -1.65 20.03 -1.18
N SER F 32 -1.73 19.45 -2.39
CA SER F 32 -2.97 18.81 -2.82
C SER F 32 -3.17 17.53 -2.06
N GLN F 33 -2.13 16.88 -1.52
CA GLN F 33 -2.27 15.66 -0.76
C GLN F 33 -3.12 15.80 0.51
N PHE F 34 -3.40 16.99 1.03
CA PHE F 34 -4.17 17.20 2.23
C PHE F 34 -5.61 17.67 2.04
N GLY F 35 -5.96 18.18 0.87
CA GLY F 35 -7.35 18.66 0.70
C GLY F 35 -7.35 19.50 -0.57
N HIS F 36 -8.51 20.05 -0.95
CA HIS F 36 -8.56 20.86 -2.16
C HIS F 36 -7.97 22.23 -1.92
N VAL F 37 -7.20 22.76 -2.86
CA VAL F 37 -6.63 24.10 -2.67
C VAL F 37 -7.46 25.03 -3.56
N VAL F 38 -8.05 26.08 -3.01
CA VAL F 38 -8.87 27.00 -3.78
C VAL F 38 -8.03 28.06 -4.48
N ASP F 39 -7.00 28.54 -3.80
CA ASP F 39 -6.16 29.57 -4.45
C ASP F 39 -4.83 29.70 -3.74
N ILE F 40 -3.89 30.31 -4.46
CA ILE F 40 -2.53 30.52 -3.98
C ILE F 40 -2.11 31.95 -4.37
N VAL F 41 -1.71 32.73 -3.38
CA VAL F 41 -1.28 34.12 -3.65
C VAL F 41 0.23 34.17 -3.41
N ALA F 42 0.98 34.66 -4.38
CA ALA F 42 2.43 34.72 -4.22
C ALA F 42 2.97 35.75 -5.19
N LEU F 43 3.66 36.73 -4.65
CA LEU F 43 4.24 37.83 -5.40
C LEU F 43 5.75 37.86 -5.29
N LYS F 44 6.42 38.44 -6.28
CA LYS F 44 7.87 38.52 -6.28
C LYS F 44 8.44 39.88 -5.86
N THR F 45 7.55 40.78 -5.44
CA THR F 45 7.98 42.10 -5.00
C THR F 45 9.00 41.92 -3.87
N MET F 46 9.70 43.01 -3.52
CA MET F 46 10.68 42.94 -2.45
C MET F 46 10.04 42.46 -1.15
N LYS F 47 8.90 43.05 -0.84
CA LYS F 47 8.17 42.73 0.35
C LYS F 47 7.65 41.30 0.35
N MET F 48 6.97 40.91 -0.73
CA MET F 48 6.42 39.55 -0.74
C MET F 48 7.30 38.40 -1.20
N ARG F 49 8.48 38.61 -1.77
CA ARG F 49 9.29 37.47 -2.19
C ARG F 49 9.51 36.54 -1.03
N GLY F 50 9.67 35.25 -1.29
CA GLY F 50 9.91 34.24 -0.31
C GLY F 50 8.70 33.78 0.47
N GLN F 51 7.54 34.29 0.14
CA GLN F 51 6.28 34.01 0.77
C GLN F 51 5.16 33.58 -0.15
N ALA F 52 4.13 33.03 0.49
CA ALA F 52 2.96 32.59 -0.28
C ALA F 52 1.81 32.22 0.67
N PHE F 53 0.61 32.47 0.12
CA PHE F 53 -0.58 32.16 0.91
C PHE F 53 -1.29 30.99 0.22
N VAL F 54 -1.66 29.94 0.94
CA VAL F 54 -2.34 28.80 0.35
C VAL F 54 -3.68 28.60 1.08
N ILE F 55 -4.73 28.82 0.30
CA ILE F 55 -6.10 28.72 0.77
C ILE F 55 -6.76 27.39 0.45
N PHE F 56 -7.22 26.73 1.52
CA PHE F 56 -7.89 25.44 1.44
C PHE F 56 -9.40 25.61 1.63
N LYS F 57 -10.19 24.71 1.02
CA LYS F 57 -11.65 24.84 1.20
C LYS F 57 -11.96 24.39 2.64
N GLU F 58 -11.40 23.25 3.04
CA GLU F 58 -11.63 22.75 4.38
C GLU F 58 -10.54 23.23 5.36
N LEU F 59 -10.99 23.64 6.54
CA LEU F 59 -10.08 24.12 7.58
C LEU F 59 -9.22 23.00 8.13
N GLY F 60 -9.77 21.82 8.40
CA GLY F 60 -8.95 20.70 8.91
C GLY F 60 -7.76 20.48 7.98
N SER F 61 -7.98 20.52 6.67
CA SER F 61 -6.97 20.36 5.64
C SER F 61 -5.78 21.27 5.94
N SER F 62 -6.03 22.54 6.19
CA SER F 62 -5.03 23.55 6.52
C SER F 62 -4.26 23.11 7.76
N THR F 63 -4.97 22.80 8.83
CA THR F 63 -4.32 22.36 10.07
C THR F 63 -3.42 21.18 9.78
N ASN F 64 -3.92 20.18 9.06
CA ASN F 64 -3.08 19.02 8.74
C ASN F 64 -1.85 19.41 7.94
N ALA F 65 -1.98 20.31 6.97
CA ALA F 65 -0.84 20.74 6.17
C ALA F 65 0.25 21.30 7.08
N LEU F 66 -0.14 22.31 7.87
CA LEU F 66 0.77 22.95 8.80
C LEU F 66 1.56 21.96 9.65
N ARG F 67 0.85 21.05 10.31
CA ARG F 67 1.56 20.10 11.16
C ARG F 67 2.48 19.18 10.37
N GLN F 68 1.98 18.60 9.28
CA GLN F 68 2.76 17.69 8.48
C GLN F 68 3.89 18.25 7.63
N LEU F 69 3.76 19.47 7.09
CA LEU F 69 4.86 19.95 6.26
C LEU F 69 5.74 21.02 6.89
N GLN F 70 5.72 21.14 8.21
CA GLN F 70 6.56 22.17 8.82
C GLN F 70 8.01 21.77 8.57
N GLY F 71 8.81 22.71 8.08
CA GLY F 71 10.21 22.48 7.79
C GLY F 71 10.45 21.45 6.70
N PHE F 72 9.55 21.38 5.72
CA PHE F 72 9.71 20.42 4.63
C PHE F 72 10.69 21.01 3.65
N PRO F 73 11.71 20.29 3.28
CA PRO F 73 12.69 20.78 2.31
C PRO F 73 12.01 21.01 0.97
N PHE F 74 11.76 22.26 0.61
CA PHE F 74 11.11 22.61 -0.66
C PHE F 74 12.15 23.35 -1.47
N TYR F 75 12.52 22.88 -2.65
CA TYR F 75 13.53 23.54 -3.47
C TYR F 75 14.78 23.92 -2.70
N GLY F 76 15.31 23.03 -1.87
CA GLY F 76 16.51 23.32 -1.12
C GLY F 76 16.43 24.07 0.18
N LYS F 77 15.25 24.48 0.66
CA LYS F 77 15.09 25.19 1.90
C LYS F 77 13.88 24.63 2.67
N PRO F 78 14.03 24.49 3.99
CA PRO F 78 12.97 24.00 4.86
C PRO F 78 11.92 25.08 4.98
N MET F 79 10.69 24.84 4.50
CA MET F 79 9.66 25.88 4.57
C MET F 79 9.09 26.05 5.97
N ARG F 80 8.77 27.29 6.30
CA ARG F 80 8.21 27.70 7.57
C ARG F 80 6.74 28.02 7.33
N ILE F 81 5.87 27.27 7.99
CA ILE F 81 4.44 27.50 7.82
C ILE F 81 3.84 28.05 9.10
N GLN F 82 2.81 28.86 8.94
CA GLN F 82 2.04 29.50 9.99
C GLN F 82 0.61 29.72 9.45
N TYR F 83 -0.29 30.04 10.38
CA TYR F 83 -1.67 30.32 10.00
C TYR F 83 -1.63 31.79 9.57
N ALA F 84 -2.41 32.23 8.62
CA ALA F 84 -2.35 33.64 8.22
C ALA F 84 -2.83 34.55 9.34
N LYS F 85 -2.59 35.86 9.22
CA LYS F 85 -3.04 36.79 10.23
C LYS F 85 -4.51 37.18 10.03
N THR F 86 -4.92 37.28 8.76
CA THR F 86 -6.27 37.65 8.40
C THR F 86 -6.98 36.56 7.61
N ASP F 87 -8.25 36.81 7.29
CA ASP F 87 -9.00 35.81 6.52
C ASP F 87 -8.81 36.19 5.05
N SER F 88 -8.64 35.23 4.16
CA SER F 88 -8.45 35.65 2.76
C SER F 88 -9.74 36.17 2.15
N ASP F 89 -9.64 37.21 1.34
CA ASP F 89 -10.77 37.80 0.64
C ASP F 89 -11.70 36.73 0.03
N ILE F 90 -11.18 35.78 -0.74
CA ILE F 90 -11.99 34.73 -1.34
C ILE F 90 -12.76 33.92 -0.30
N ILE F 91 -12.18 33.68 0.87
CA ILE F 91 -12.89 32.92 1.90
C ILE F 91 -14.09 33.77 2.32
N SER F 92 -13.79 35.02 2.63
CA SER F 92 -14.79 36.01 3.04
C SER F 92 -15.95 36.12 2.06
N LYS F 93 -15.73 36.02 0.77
CA LYS F 93 -16.75 36.10 -0.25
C LYS F 93 -17.40 34.73 -0.45
N MET F 94 -16.69 33.67 -0.07
CA MET F 94 -17.18 32.30 -0.19
C MET F 94 -18.16 31.99 0.94
N ARG F 95 -17.91 32.62 2.08
CA ARG F 95 -18.74 32.44 3.26
C ARG F 95 -19.98 33.33 3.11
#